data_6R2V
#
_entry.id   6R2V
#
_cell.length_a   53.446
_cell.length_b   85.525
_cell.length_c   130.305
_cell.angle_alpha   90.00
_cell.angle_beta   90.00
_cell.angle_gamma   90.00
#
_symmetry.space_group_name_H-M   'P 21 21 21'
#
loop_
_entity.id
_entity.type
_entity.pdbx_description
1 polymer 'Nuclear transcription factor Y subunit A-6'
2 polymer NF-YB2
3 polymer NF-YC3
4 polymer "FT (-5kb) CCAAT-box 5'"
5 polymer "FT (-5kb) CCAAT-box 3'"
6 water water
#
loop_
_entity_poly.entity_id
_entity_poly.type
_entity_poly.pdbx_seq_one_letter_code
_entity_poly.pdbx_strand_id
1 'polypeptide(L)' MNEPIFVNAKQYQAILRRRERRAKLEAQNKLIKVRKPYLHESRHLHALKRVRGSGGRFLNTKKHQESNSGSLVPR A
2 'polypeptide(L)'
;GSHMSPREQDRFLPIANVSRIMKKALPANAKISKDAKETMQECVSEFISFVTGEASDKCQKEKRKTINGDDLLWAMTTLG
FEDYVEPLKVYLQRFRE
;
B
3 'polypeptide(L)'
;MTQFKEIEKTTDFKNHSLPLARIKKIMKADEDVRMISAEAPVVFARACEMFILELTLRSWNHTEENKRRTLQKNDIAAAV
TRTDIFDFLVDIVPR
;
C
4 'polydeoxyribonucleotide'
;(DC)(DT)(DC)(DA)(DT)(DC)(DC)(DA)(DA)(DT)(DC)(DC)(DT)(DT)(DT)(DA)(DT)(DG)(DG)(DA)
(DA)(DT)(DC)(DC)(DA)
;
I
5 'polydeoxyribonucleotide'
;(DG)(DA)(DT)(DT)(DC)(DC)(DA)(DT)(DA)(DA)(DA)(DG)(DG)(DA)(DT)(DT)(DG)(DG)(DA)(DT)
(DG)(DA)(DG)(DT)(DG)
;
J
#
# COMPACT_ATOMS: atom_id res chain seq x y z
N PRO A 4 3.31 9.58 26.48
CA PRO A 4 2.70 10.83 26.02
C PRO A 4 1.81 10.64 24.79
N ILE A 5 1.92 9.48 24.15
CA ILE A 5 1.15 9.15 22.96
C ILE A 5 0.12 8.09 23.34
N PHE A 6 -1.08 8.20 22.78
CA PHE A 6 -2.16 7.26 23.05
C PHE A 6 -2.76 6.57 21.84
N VAL A 7 -3.00 5.27 21.93
CA VAL A 7 -3.56 4.52 20.81
C VAL A 7 -4.72 3.61 21.20
N ASN A 8 -5.54 3.27 20.21
CA ASN A 8 -6.73 2.46 20.43
C ASN A 8 -6.46 1.03 20.90
N ALA A 9 -7.38 0.54 21.70
CA ALA A 9 -7.31 -0.78 22.28
C ALA A 9 -7.36 -1.93 21.30
N LYS A 10 -7.98 -1.76 20.15
CA LYS A 10 -8.08 -2.91 19.24
C LYS A 10 -6.71 -3.34 18.73
N GLN A 11 -5.81 -2.39 18.57
CA GLN A 11 -4.48 -2.67 18.06
C GLN A 11 -3.32 -2.37 19.02
N TYR A 12 -3.61 -1.99 20.25
CA TYR A 12 -2.53 -1.57 21.16
C TYR A 12 -1.50 -2.67 21.34
N GLN A 13 -1.92 -3.81 21.90
CA GLN A 13 -1.01 -4.93 22.04
C GLN A 13 -0.50 -5.41 20.69
N ALA A 14 -1.37 -5.39 19.67
CA ALA A 14 -0.94 -5.75 18.33
C ALA A 14 0.22 -4.88 17.86
N ILE A 15 0.21 -3.61 18.24
CA ILE A 15 1.30 -2.72 17.86
C ILE A 15 2.58 -3.11 18.58
N LEU A 16 2.46 -3.42 19.86
CA LEU A 16 3.62 -3.79 20.66
C LEU A 16 4.27 -5.07 20.16
N ARG A 17 3.46 -6.02 19.71
CA ARG A 17 4.01 -7.24 19.16
C ARG A 17 4.74 -6.94 17.87
N ARG A 18 4.18 -6.07 17.05
CA ARG A 18 4.79 -5.67 15.80
C ARG A 18 6.02 -4.87 16.12
N ARG A 19 5.98 -4.11 17.19
CA ARG A 19 7.11 -3.31 17.58
C ARG A 19 8.31 -4.17 17.88
N GLU A 20 8.09 -5.29 18.55
CA GLU A 20 9.17 -6.19 18.85
C GLU A 20 9.77 -6.81 17.62
N ARG A 21 8.92 -7.21 16.68
N ARG A 21 8.92 -7.21 16.69
CA ARG A 21 9.36 -7.82 15.42
CA ARG A 21 9.36 -7.82 15.46
C ARG A 21 10.30 -6.93 14.65
C ARG A 21 10.27 -6.93 14.63
N ARG A 22 9.90 -5.66 14.54
CA ARG A 22 10.66 -4.67 13.81
C ARG A 22 12.02 -4.43 14.43
N ALA A 23 12.10 -4.48 15.75
CA ALA A 23 13.37 -4.34 16.42
C ALA A 23 14.30 -5.47 16.03
N LYS A 24 13.79 -6.68 15.88
CA LYS A 24 14.61 -7.79 15.47
C LYS A 24 15.13 -7.58 14.07
N LEU A 25 14.30 -7.05 13.20
CA LEU A 25 14.69 -6.78 11.82
C LEU A 25 15.84 -5.77 11.78
N GLU A 26 15.81 -4.78 12.66
CA GLU A 26 16.90 -3.80 12.73
C GLU A 26 18.18 -4.44 13.23
N ALA A 27 18.08 -5.47 14.06
CA ALA A 27 19.28 -6.15 14.57
C ALA A 27 20.06 -6.81 13.44
N GLN A 28 19.38 -7.26 12.40
CA GLN A 28 20.02 -7.85 11.23
C GLN A 28 20.11 -6.86 10.07
N ASN A 29 19.75 -5.61 10.30
CA ASN A 29 19.69 -4.57 9.26
C ASN A 29 19.00 -5.14 8.02
N LYS A 30 17.71 -5.36 8.21
CA LYS A 30 16.80 -5.84 7.21
C LYS A 30 15.76 -4.78 6.85
N LEU A 31 15.89 -3.60 7.45
CA LEU A 31 15.00 -2.47 7.23
C LEU A 31 15.62 -1.52 6.21
N ILE A 32 14.76 -0.75 5.56
CA ILE A 32 15.19 0.17 4.51
C ILE A 32 15.74 1.43 5.15
N LYS A 33 17.02 1.69 4.95
CA LYS A 33 17.65 2.88 5.49
C LYS A 33 17.41 4.17 4.70
N VAL A 34 17.73 4.14 3.42
CA VAL A 34 17.52 5.28 2.56
C VAL A 34 17.19 4.84 1.14
N ARG A 35 16.58 5.74 0.38
CA ARG A 35 16.15 5.50 -0.97
C ARG A 35 17.21 5.96 -1.95
N LYS A 36 17.40 5.18 -3.00
CA LYS A 36 18.35 5.48 -4.05
C LYS A 36 17.71 6.48 -5.03
N PRO A 37 18.53 7.21 -5.79
CA PRO A 37 17.96 8.11 -6.81
C PRO A 37 17.16 7.36 -7.87
N TYR A 38 17.57 6.14 -8.22
CA TYR A 38 16.84 5.32 -9.18
C TYR A 38 17.13 3.87 -8.87
N LEU A 39 16.16 3.00 -9.15
CA LEU A 39 16.28 1.60 -8.76
C LEU A 39 17.27 0.86 -9.64
N HIS A 40 17.30 1.17 -10.94
CA HIS A 40 18.11 0.41 -11.89
C HIS A 40 18.93 1.36 -12.74
N GLU A 41 20.22 1.05 -12.89
CA GLU A 41 21.09 1.83 -13.74
C GLU A 41 20.68 1.70 -15.21
N SER A 42 20.29 0.50 -15.62
CA SER A 42 19.88 0.29 -17.01
C SER A 42 18.68 1.15 -17.37
N ARG A 43 17.67 1.19 -16.49
CA ARG A 43 16.50 2.01 -16.75
C ARG A 43 16.81 3.49 -16.63
N HIS A 44 17.76 3.85 -15.81
CA HIS A 44 18.18 5.21 -15.74
C HIS A 44 18.83 5.63 -17.02
N LEU A 45 19.68 4.79 -17.57
CA LEU A 45 20.36 5.09 -18.83
C LEU A 45 19.45 5.18 -20.03
N HIS A 46 18.50 4.26 -20.08
CA HIS A 46 17.55 4.18 -21.15
C HIS A 46 16.74 5.44 -21.19
N ALA A 47 16.42 5.96 -20.02
CA ALA A 47 15.64 7.20 -19.93
C ALA A 47 16.43 8.41 -20.41
N LEU A 48 17.76 8.35 -20.42
CA LEU A 48 18.59 9.41 -20.95
C LEU A 48 18.75 9.33 -22.47
N LYS A 49 18.32 8.24 -23.07
CA LYS A 49 18.42 8.07 -24.50
C LYS A 49 17.09 8.21 -25.22
N ARG A 50 16.05 8.63 -24.54
CA ARG A 50 14.73 8.74 -25.16
C ARG A 50 14.60 10.01 -25.96
N VAL A 51 13.85 9.95 -27.04
CA VAL A 51 13.58 11.13 -27.84
C VAL A 51 12.58 11.95 -27.07
N ARG A 52 12.87 13.21 -26.92
CA ARG A 52 12.07 14.07 -26.11
C ARG A 52 11.64 15.32 -26.84
N GLY A 53 10.48 15.84 -26.51
CA GLY A 53 9.99 17.06 -27.09
C GLY A 53 10.64 18.27 -26.50
N SER A 54 10.57 19.41 -27.17
CA SER A 54 11.17 20.63 -26.62
C SER A 54 10.68 20.94 -25.22
N GLY A 55 9.57 20.35 -24.79
CA GLY A 55 9.07 20.47 -23.44
C GLY A 55 9.49 19.37 -22.51
N GLY A 56 10.41 18.51 -22.93
CA GLY A 56 10.95 17.46 -22.09
C GLY A 56 10.19 16.15 -22.11
N ARG A 57 8.96 16.14 -22.60
CA ARG A 57 8.17 14.92 -22.60
C ARG A 57 8.74 13.90 -23.57
N PHE A 58 8.61 12.62 -23.22
CA PHE A 58 9.00 11.55 -24.12
C PHE A 58 8.17 11.63 -25.40
N LEU A 59 8.83 11.40 -26.53
CA LEU A 59 8.20 11.57 -27.83
C LEU A 59 7.78 10.23 -28.42
N ASN A 60 6.70 10.26 -29.20
CA ASN A 60 6.19 9.07 -29.87
C ASN A 60 7.00 8.83 -31.13
N THR A 61 7.63 7.67 -31.22
CA THR A 61 8.48 7.38 -32.36
C THR A 61 7.77 7.36 -33.70
N LYS A 62 6.53 6.89 -33.69
CA LYS A 62 5.72 6.72 -34.89
C LYS A 62 5.38 7.96 -35.71
N LYS A 63 5.13 9.08 -35.07
CA LYS A 63 4.79 10.31 -35.77
C LYS A 63 5.97 10.95 -36.54
N HIS A 64 5.62 11.78 -37.51
CA HIS A 64 6.52 12.52 -38.41
C HIS A 64 7.20 11.56 -39.39
N GLN A 65 6.41 10.67 -39.99
CA GLN A 65 6.84 9.61 -40.90
C GLN A 65 7.85 8.73 -40.20
N SER B 5 21.61 -4.98 3.54
CA SER B 5 20.19 -4.82 3.74
C SER B 5 19.45 -5.55 2.66
N PRO B 6 18.15 -5.31 2.57
CA PRO B 6 17.43 -5.89 1.47
C PRO B 6 17.17 -4.80 0.46
N ARG B 7 16.63 -5.22 -0.68
CA ARG B 7 16.31 -4.34 -1.79
C ARG B 7 14.99 -3.60 -1.71
N GLU B 8 15.01 -2.33 -2.05
CA GLU B 8 13.77 -1.57 -2.11
C GLU B 8 12.70 -2.28 -2.94
N GLN B 9 13.09 -2.85 -4.08
CA GLN B 9 12.14 -3.49 -4.98
C GLN B 9 11.41 -4.66 -4.33
N ASP B 10 11.88 -5.14 -3.17
CA ASP B 10 11.25 -6.25 -2.48
C ASP B 10 10.45 -5.82 -1.26
N ARG B 11 10.73 -4.65 -0.70
CA ARG B 11 10.03 -4.17 0.47
C ARG B 11 8.75 -3.35 0.26
N PHE B 12 8.68 -2.59 -0.82
CA PHE B 12 7.53 -1.73 -1.10
C PHE B 12 6.95 -2.08 -2.46
N LEU B 13 5.62 -2.05 -2.54
CA LEU B 13 4.96 -2.22 -3.82
C LEU B 13 5.34 -1.07 -4.76
N PRO B 14 5.26 -1.27 -6.07
CA PRO B 14 5.72 -0.23 -7.01
C PRO B 14 5.05 1.10 -6.75
N ILE B 15 5.86 2.16 -6.77
CA ILE B 15 5.34 3.49 -6.47
C ILE B 15 4.36 3.95 -7.55
N ALA B 16 4.52 3.48 -8.78
CA ALA B 16 3.57 3.82 -9.83
C ALA B 16 2.20 3.23 -9.53
N ASN B 17 2.15 1.99 -9.05
CA ASN B 17 0.88 1.38 -8.67
C ASN B 17 0.24 2.15 -7.53
N VAL B 18 1.04 2.51 -6.52
CA VAL B 18 0.51 3.25 -5.37
C VAL B 18 -0.04 4.61 -5.83
N SER B 19 0.75 5.36 -6.59
CA SER B 19 0.35 6.68 -7.04
C SER B 19 -0.99 6.63 -7.78
N ARG B 20 -1.18 5.59 -8.59
CA ARG B 20 -2.43 5.46 -9.35
C ARG B 20 -3.63 5.31 -8.43
N ILE B 21 -3.47 4.54 -7.35
CA ILE B 21 -4.59 4.29 -6.46
C ILE B 21 -4.90 5.52 -5.60
N MET B 22 -3.87 6.23 -5.14
CA MET B 22 -4.11 7.45 -4.37
C MET B 22 -4.89 8.46 -5.19
N LYS B 23 -4.52 8.63 -6.46
CA LYS B 23 -5.17 9.63 -7.31
C LYS B 23 -6.61 9.27 -7.65
N LYS B 24 -6.98 7.99 -7.53
CA LYS B 24 -8.35 7.59 -7.82
C LYS B 24 -9.33 8.10 -6.77
N ALA B 25 -8.86 8.40 -5.56
CA ALA B 25 -9.73 8.83 -4.47
C ALA B 25 -9.79 10.34 -4.31
N LEU B 26 -9.10 11.09 -5.15
CA LEU B 26 -9.00 12.54 -5.04
C LEU B 26 -9.68 13.22 -6.22
N PRO B 27 -9.93 14.54 -6.11
CA PRO B 27 -10.43 15.27 -7.27
C PRO B 27 -9.49 15.16 -8.46
N ALA B 28 -10.06 15.36 -9.63
CA ALA B 28 -9.34 15.21 -10.88
C ALA B 28 -8.04 15.98 -11.05
N ASN B 29 -8.00 17.17 -10.53
CA ASN B 29 -6.81 17.98 -10.70
C ASN B 29 -5.93 18.05 -9.49
N ALA B 30 -6.09 17.13 -8.55
CA ALA B 30 -5.25 17.16 -7.37
C ALA B 30 -3.84 16.70 -7.63
N LYS B 31 -2.90 17.28 -6.91
CA LYS B 31 -1.50 16.90 -6.99
C LYS B 31 -1.11 16.08 -5.77
N ILE B 32 0.00 15.35 -5.89
CA ILE B 32 0.49 14.48 -4.83
C ILE B 32 2.00 14.60 -4.77
N SER B 33 2.54 14.98 -3.61
CA SER B 33 3.98 15.10 -3.43
C SER B 33 4.66 13.75 -3.66
N LYS B 34 5.96 13.81 -3.97
CA LYS B 34 6.75 12.59 -3.99
C LYS B 34 7.04 12.11 -2.57
N ASP B 35 7.23 13.05 -1.63
CA ASP B 35 7.30 12.67 -0.22
C ASP B 35 6.03 11.94 0.19
N ALA B 36 4.86 12.54 -0.09
CA ALA B 36 3.60 11.86 0.21
C ALA B 36 3.46 10.56 -0.55
N LYS B 37 3.92 10.53 -1.81
CA LYS B 37 3.86 9.31 -2.60
C LYS B 37 4.67 8.20 -1.93
N GLU B 38 5.86 8.52 -1.43
CA GLU B 38 6.74 7.48 -0.91
C GLU B 38 6.34 6.99 0.49
N THR B 39 5.87 7.88 1.37
CA THR B 39 5.50 7.41 2.70
C THR B 39 4.24 6.55 2.67
N MET B 40 3.38 6.74 1.66
CA MET B 40 2.18 5.92 1.57
C MET B 40 2.54 4.47 1.23
N GLN B 41 3.53 4.25 0.37
CA GLN B 41 3.95 2.89 0.12
C GLN B 41 4.68 2.28 1.30
N GLU B 42 5.24 3.11 2.19
CA GLU B 42 5.74 2.61 3.46
C GLU B 42 4.58 2.19 4.37
N CYS B 43 3.51 2.99 4.38
CA CYS B 43 2.36 2.66 5.21
C CYS B 43 1.66 1.39 4.73
N VAL B 44 1.58 1.19 3.41
CA VAL B 44 0.87 0.03 2.89
C VAL B 44 1.63 -1.26 3.21
N SER B 45 2.96 -1.24 3.06
CA SER B 45 3.75 -2.43 3.37
C SER B 45 3.74 -2.73 4.87
N GLU B 46 3.69 -1.69 5.71
CA GLU B 46 3.52 -1.93 7.13
C GLU B 46 2.13 -2.46 7.44
N PHE B 47 1.12 -1.97 6.71
CA PHE B 47 -0.22 -2.52 6.83
C PHE B 47 -0.24 -4.00 6.50
N ILE B 48 0.56 -4.41 5.51
CA ILE B 48 0.65 -5.82 5.16
C ILE B 48 1.29 -6.61 6.31
N SER B 49 2.39 -6.09 6.86
CA SER B 49 3.07 -6.81 7.93
C SER B 49 2.30 -6.77 9.23
N PHE B 50 1.53 -5.71 9.47
CA PHE B 50 0.78 -5.60 10.70
C PHE B 50 -0.41 -6.56 10.74
N VAL B 51 -1.01 -6.83 9.58
CA VAL B 51 -2.11 -7.79 9.52
C VAL B 51 -1.57 -9.21 9.43
N THR B 52 -0.57 -9.43 8.56
CA THR B 52 0.02 -10.76 8.44
C THR B 52 0.69 -11.20 9.74
N GLY B 53 1.27 -10.24 10.47
CA GLY B 53 1.94 -10.58 11.72
C GLY B 53 0.99 -11.19 12.74
N GLU B 54 -0.21 -10.64 12.85
CA GLU B 54 -1.19 -11.16 13.79
C GLU B 54 -2.02 -12.30 13.22
N ALA B 55 -2.15 -12.36 11.89
CA ALA B 55 -2.81 -13.51 11.27
C ALA B 55 -2.06 -14.79 11.59
N SER B 56 -0.73 -14.73 11.64
CA SER B 56 0.08 -15.87 12.03
C SER B 56 0.22 -15.99 13.55
N ASP B 57 0.09 -14.88 14.27
CA ASP B 57 0.13 -14.93 15.72
C ASP B 57 -0.98 -15.83 16.27
N LYS B 58 -2.18 -15.72 15.70
CA LYS B 58 -3.24 -16.66 16.04
C LYS B 58 -3.03 -18.02 15.39
N CYS B 59 -2.29 -18.07 14.27
CA CYS B 59 -1.89 -19.36 13.72
C CYS B 59 -0.89 -20.06 14.64
N GLN B 60 -0.15 -19.29 15.45
CA GLN B 60 0.63 -19.89 16.53
C GLN B 60 -0.30 -20.53 17.55
N LYS B 61 -1.28 -19.78 18.02
CA LYS B 61 -2.28 -20.32 18.94
C LYS B 61 -2.99 -21.52 18.33
N GLU B 62 -3.34 -21.44 17.05
CA GLU B 62 -4.15 -22.49 16.43
C GLU B 62 -3.33 -23.71 16.01
N LYS B 63 -2.01 -23.65 16.12
CA LYS B 63 -1.11 -24.75 15.77
C LYS B 63 -1.38 -25.25 14.34
N ARG B 64 -1.53 -24.28 13.45
CA ARG B 64 -1.69 -24.50 12.02
C ARG B 64 -0.59 -23.73 11.31
N LYS B 65 -0.03 -24.32 10.25
CA LYS B 65 1.27 -23.83 9.81
C LYS B 65 1.23 -22.92 8.58
N THR B 66 0.21 -23.04 7.71
CA THR B 66 0.04 -22.05 6.65
C THR B 66 -1.02 -21.04 7.04
N ILE B 67 -0.94 -19.88 6.39
CA ILE B 67 -1.83 -18.77 6.60
C ILE B 67 -2.87 -18.69 5.51
N ASN B 68 -4.10 -18.93 5.93
CA ASN B 68 -5.28 -18.92 5.09
C ASN B 68 -5.74 -17.52 4.81
N GLY B 69 -6.49 -17.34 3.73
CA GLY B 69 -7.04 -16.05 3.45
C GLY B 69 -8.01 -15.63 4.54
N ASP B 70 -8.65 -16.59 5.18
CA ASP B 70 -9.63 -16.30 6.22
C ASP B 70 -8.97 -15.90 7.53
N ASP B 71 -7.76 -16.38 7.81
CA ASP B 71 -7.02 -15.86 8.97
C ASP B 71 -6.72 -14.38 8.79
N LEU B 72 -6.41 -13.97 7.56
CA LEU B 72 -6.22 -12.55 7.28
C LEU B 72 -7.53 -11.79 7.48
N LEU B 73 -8.64 -12.38 7.08
CA LEU B 73 -9.94 -11.72 7.27
C LEU B 73 -10.27 -11.57 8.75
N TRP B 74 -10.05 -12.62 9.53
CA TRP B 74 -10.27 -12.52 10.97
C TRP B 74 -9.30 -11.54 11.61
N ALA B 75 -8.05 -11.53 11.15
CA ALA B 75 -7.06 -10.60 11.69
C ALA B 75 -7.46 -9.17 11.39
N MET B 76 -8.00 -8.91 10.20
CA MET B 76 -8.47 -7.57 9.87
C MET B 76 -9.68 -7.18 10.71
N THR B 77 -10.58 -8.13 10.96
CA THR B 77 -11.69 -7.87 11.87
C THR B 77 -11.18 -7.60 13.28
N THR B 78 -10.14 -8.33 13.70
CA THR B 78 -9.60 -8.13 15.04
C THR B 78 -8.99 -6.74 15.19
N LEU B 79 -8.24 -6.30 14.18
CA LEU B 79 -7.53 -5.02 14.25
C LEU B 79 -8.41 -3.83 13.91
N GLY B 80 -9.72 -4.03 13.73
CA GLY B 80 -10.63 -2.94 13.47
C GLY B 80 -10.93 -2.67 12.01
N PHE B 81 -10.35 -3.44 11.09
CA PHE B 81 -10.62 -3.28 9.66
C PHE B 81 -11.84 -4.06 9.21
N GLU B 82 -12.92 -4.02 10.01
CA GLU B 82 -14.08 -4.86 9.75
C GLU B 82 -14.83 -4.43 8.49
N ASP B 83 -14.74 -3.17 8.16
CA ASP B 83 -15.44 -2.64 7.01
C ASP B 83 -15.00 -3.28 5.72
N TYR B 84 -13.71 -3.56 5.60
CA TYR B 84 -13.18 -4.17 4.39
C TYR B 84 -13.66 -5.59 4.20
N VAL B 85 -13.95 -6.29 5.29
CA VAL B 85 -14.14 -7.74 5.21
C VAL B 85 -15.33 -8.09 4.32
N GLU B 86 -16.37 -7.25 4.29
CA GLU B 86 -17.55 -7.61 3.50
C GLU B 86 -17.30 -7.58 2.00
N PRO B 87 -16.71 -6.53 1.40
CA PRO B 87 -16.36 -6.66 -0.03
C PRO B 87 -15.27 -7.68 -0.28
N LEU B 88 -14.40 -7.93 0.70
CA LEU B 88 -13.28 -8.84 0.48
C LEU B 88 -13.76 -10.27 0.20
N LYS B 89 -14.78 -10.73 0.94
CA LYS B 89 -15.26 -12.09 0.72
C LYS B 89 -15.99 -12.21 -0.62
N VAL B 90 -16.64 -11.14 -1.06
CA VAL B 90 -17.21 -11.11 -2.41
C VAL B 90 -16.08 -11.27 -3.44
N TYR B 91 -15.02 -10.48 -3.29
CA TYR B 91 -13.85 -10.63 -4.14
C TYR B 91 -13.23 -12.02 -3.98
N LEU B 92 -13.04 -12.45 -2.73
CA LEU B 92 -12.40 -13.74 -2.47
C LEU B 92 -13.13 -14.88 -3.15
N GLN B 93 -14.46 -14.90 -3.02
CA GLN B 93 -15.24 -16.06 -3.44
C GLN B 93 -15.19 -16.29 -4.94
N ARG B 94 -15.12 -15.21 -5.74
CA ARG B 94 -14.96 -15.38 -7.17
C ARG B 94 -13.67 -16.12 -7.49
N PHE B 95 -12.59 -15.74 -6.80
CA PHE B 95 -11.30 -16.37 -7.02
C PHE B 95 -11.29 -17.82 -6.53
N ARG B 96 -12.15 -18.16 -5.57
CA ARG B 96 -12.14 -19.50 -4.98
C ARG B 96 -12.38 -20.57 -6.04
N GLU B 97 -13.25 -20.29 -7.01
CA GLU B 97 -13.53 -21.23 -8.09
C GLU B 97 -13.40 -20.55 -9.45
N MET C 1 -30.30 3.36 -36.36
CA MET C 1 -29.85 3.89 -35.07
C MET C 1 -30.20 5.34 -34.95
N THR C 2 -30.09 5.85 -33.74
CA THR C 2 -30.43 7.24 -33.51
C THR C 2 -29.50 8.06 -34.40
N GLN C 3 -29.64 9.37 -34.31
CA GLN C 3 -28.93 10.27 -35.21
C GLN C 3 -27.43 10.05 -35.16
N PHE C 4 -26.93 9.77 -33.97
CA PHE C 4 -25.54 9.50 -33.74
C PHE C 4 -25.44 8.27 -32.88
N LYS C 5 -24.32 7.60 -32.91
CA LYS C 5 -24.14 6.46 -32.06
C LYS C 5 -23.79 7.16 -30.77
N GLU C 6 -24.54 6.91 -29.71
CA GLU C 6 -24.28 7.63 -28.47
C GLU C 6 -23.01 7.13 -27.83
N ILE C 7 -22.31 8.00 -27.12
CA ILE C 7 -21.01 7.63 -26.59
C ILE C 7 -20.85 7.68 -25.10
N GLU C 8 -19.91 6.88 -24.63
CA GLU C 8 -19.64 6.81 -23.22
C GLU C 8 -18.23 7.28 -22.89
N LYS C 9 -18.11 8.17 -21.91
CA LYS C 9 -16.82 8.69 -21.51
C LYS C 9 -15.96 7.62 -20.89
N THR C 10 -14.69 7.61 -21.27
CA THR C 10 -13.70 6.67 -20.76
C THR C 10 -12.96 7.35 -19.62
N THR C 11 -13.19 6.87 -18.40
CA THR C 11 -12.37 7.24 -17.27
C THR C 11 -11.65 6.04 -16.66
N ASP C 12 -12.00 4.82 -17.07
CA ASP C 12 -11.44 3.62 -16.48
C ASP C 12 -10.03 3.36 -17.01
N PHE C 13 -9.26 2.64 -16.21
CA PHE C 13 -7.94 2.16 -16.57
C PHE C 13 -7.98 0.65 -16.70
N LYS C 14 -7.04 0.09 -17.46
CA LYS C 14 -6.94 -1.36 -17.59
C LYS C 14 -6.81 -1.99 -16.21
N ASN C 15 -7.61 -3.04 -15.98
CA ASN C 15 -7.70 -3.67 -14.67
C ASN C 15 -6.32 -4.05 -14.15
N HIS C 16 -5.79 -3.26 -13.21
CA HIS C 16 -4.45 -3.43 -12.69
C HIS C 16 -4.52 -3.72 -11.20
N SER C 17 -3.81 -4.75 -10.77
CA SER C 17 -3.66 -5.07 -9.36
C SER C 17 -2.20 -5.02 -8.98
N LEU C 18 -1.95 -4.79 -7.69
CA LEU C 18 -0.59 -4.82 -7.19
C LEU C 18 0.00 -6.21 -7.39
N PRO C 19 1.30 -6.31 -7.65
CA PRO C 19 1.89 -7.62 -7.98
C PRO C 19 1.79 -8.59 -6.81
N LEU C 20 1.27 -9.78 -7.10
CA LEU C 20 1.12 -10.78 -6.05
C LEU C 20 2.48 -11.27 -5.57
N ALA C 21 3.44 -11.43 -6.49
CA ALA C 21 4.76 -11.93 -6.10
C ALA C 21 5.43 -11.00 -5.10
N ARG C 22 5.26 -9.70 -5.26
CA ARG C 22 5.86 -8.76 -4.32
C ARG C 22 5.12 -8.76 -2.99
N ILE C 23 3.78 -8.77 -3.03
CA ILE C 23 2.99 -8.83 -1.81
C ILE C 23 3.43 -10.01 -0.95
N LYS C 24 3.63 -11.17 -1.57
CA LYS C 24 4.07 -12.35 -0.82
C LYS C 24 5.45 -12.13 -0.23
N LYS C 25 6.34 -11.45 -0.96
CA LYS C 25 7.67 -11.18 -0.44
C LYS C 25 7.61 -10.27 0.78
N ILE C 26 6.73 -9.26 0.75
CA ILE C 26 6.57 -8.39 1.91
C ILE C 26 5.95 -9.14 3.07
N MET C 27 5.07 -10.09 2.77
CA MET C 27 4.42 -10.88 3.80
C MET C 27 5.40 -11.76 4.52
N LYS C 28 6.40 -12.23 3.80
CA LYS C 28 7.38 -13.12 4.36
C LYS C 28 8.57 -12.45 4.97
N ALA C 29 8.60 -11.13 4.94
CA ALA C 29 9.72 -10.42 5.52
C ALA C 29 9.89 -10.78 6.97
N ASP C 30 8.98 -11.58 7.50
CA ASP C 30 9.01 -11.96 8.89
C ASP C 30 9.51 -13.38 9.04
N GLU C 31 10.50 -13.54 9.90
CA GLU C 31 11.13 -14.82 10.17
C GLU C 31 10.19 -15.98 10.45
N ASP C 32 9.13 -15.75 11.22
CA ASP C 32 8.23 -16.85 11.59
C ASP C 32 7.24 -17.16 10.49
N VAL C 33 6.84 -16.17 9.69
CA VAL C 33 5.97 -16.43 8.56
C VAL C 33 6.74 -17.28 7.56
N ARG C 34 6.27 -18.51 7.33
CA ARG C 34 7.02 -19.46 6.52
C ARG C 34 6.19 -20.06 5.40
N MET C 35 4.89 -20.25 5.63
CA MET C 35 4.01 -20.82 4.62
C MET C 35 2.77 -19.96 4.49
N ILE C 36 2.37 -19.70 3.24
CA ILE C 36 1.30 -18.76 2.93
C ILE C 36 0.44 -19.35 1.81
N SER C 37 -0.88 -19.35 2.02
CA SER C 37 -1.79 -19.93 1.04
C SER C 37 -1.70 -19.20 -0.29
N ALA C 38 -2.20 -19.87 -1.33
CA ALA C 38 -2.09 -19.33 -2.69
C ALA C 38 -2.83 -18.01 -2.83
N GLU C 39 -3.96 -17.85 -2.12
CA GLU C 39 -4.79 -16.66 -2.24
C GLU C 39 -4.59 -15.64 -1.14
N ALA C 40 -3.67 -15.88 -0.22
CA ALA C 40 -3.39 -14.86 0.78
C ALA C 40 -2.82 -13.60 0.13
N PRO C 41 -1.95 -13.70 -0.88
CA PRO C 41 -1.58 -12.49 -1.62
C PRO C 41 -2.75 -11.89 -2.40
N VAL C 42 -3.75 -12.70 -2.76
CA VAL C 42 -4.88 -12.19 -3.52
C VAL C 42 -5.70 -11.23 -2.67
N VAL C 43 -6.00 -11.62 -1.44
CA VAL C 43 -6.85 -10.78 -0.59
C VAL C 43 -6.13 -9.50 -0.19
N PHE C 44 -4.80 -9.54 -0.08
CA PHE C 44 -4.06 -8.34 0.27
C PHE C 44 -4.00 -7.36 -0.89
N ALA C 45 -3.90 -7.87 -2.12
CA ALA C 45 -3.93 -7.00 -3.29
C ALA C 45 -5.20 -6.16 -3.31
N ARG C 46 -6.33 -6.74 -2.92
CA ARG C 46 -7.57 -5.98 -2.82
C ARG C 46 -7.62 -5.18 -1.52
N ALA C 47 -7.14 -5.76 -0.42
CA ALA C 47 -7.15 -5.06 0.86
C ALA C 47 -6.27 -3.82 0.82
N CYS C 48 -5.10 -3.91 0.19
CA CYS C 48 -4.22 -2.76 0.11
C CYS C 48 -4.85 -1.64 -0.70
N GLU C 49 -5.60 -1.99 -1.75
CA GLU C 49 -6.29 -0.98 -2.53
C GLU C 49 -7.30 -0.22 -1.68
N MET C 50 -8.09 -0.95 -0.89
CA MET C 50 -9.02 -0.31 0.04
C MET C 50 -8.28 0.52 1.09
N PHE C 51 -7.08 0.07 1.49
CA PHE C 51 -6.32 0.82 2.48
C PHE C 51 -5.76 2.11 1.89
N ILE C 52 -5.34 2.08 0.62
CA ILE C 52 -4.85 3.29 -0.04
C ILE C 52 -5.95 4.34 -0.10
N LEU C 53 -7.14 3.95 -0.55
CA LEU C 53 -8.20 4.91 -0.80
C LEU C 53 -8.64 5.59 0.50
N GLU C 54 -8.75 4.83 1.58
CA GLU C 54 -9.16 5.43 2.85
C GLU C 54 -8.09 6.39 3.38
N LEU C 55 -6.83 5.94 3.40
CA LEU C 55 -5.77 6.78 3.96
C LEU C 55 -5.51 8.01 3.10
N THR C 56 -5.58 7.87 1.78
CA THR C 56 -5.37 9.03 0.90
C THR C 56 -6.51 10.03 1.06
N LEU C 57 -7.74 9.56 1.06
CA LEU C 57 -8.89 10.45 1.18
C LEU C 57 -8.89 11.19 2.51
N ARG C 58 -8.56 10.50 3.60
CA ARG C 58 -8.54 11.14 4.90
C ARG C 58 -7.44 12.20 4.98
N SER C 59 -6.26 11.89 4.43
CA SER C 59 -5.19 12.88 4.37
C SER C 59 -5.58 14.06 3.49
N TRP C 60 -6.41 13.83 2.49
CA TRP C 60 -6.84 14.88 1.58
C TRP C 60 -7.59 15.93 2.33
N ASN C 61 -8.38 15.50 3.30
CA ASN C 61 -9.16 16.41 4.10
C ASN C 61 -8.26 17.38 4.83
N HIS C 62 -7.16 16.88 5.37
CA HIS C 62 -6.20 17.70 6.06
C HIS C 62 -5.60 18.72 5.11
N THR C 63 -5.40 18.37 3.84
CA THR C 63 -4.83 19.33 2.90
C THR C 63 -5.83 20.43 2.58
N GLU C 64 -7.13 20.10 2.53
CA GLU C 64 -8.13 21.10 2.18
C GLU C 64 -8.32 22.10 3.31
N GLU C 65 -8.18 21.64 4.56
CA GLU C 65 -8.25 22.57 5.69
C GLU C 65 -7.11 23.57 5.62
N ASN C 66 -5.93 23.14 5.19
CA ASN C 66 -4.81 24.04 4.94
C ASN C 66 -4.96 24.81 3.63
N LYS C 67 -6.02 24.55 2.87
CA LYS C 67 -6.30 25.27 1.62
C LYS C 67 -5.15 25.09 0.61
N ARG C 68 -4.88 23.83 0.28
CA ARG C 68 -3.85 23.48 -0.68
C ARG C 68 -4.41 22.50 -1.71
N ARG C 69 -3.63 22.28 -2.76
CA ARG C 69 -4.02 21.39 -3.86
C ARG C 69 -3.13 20.16 -3.97
N THR C 70 -2.02 20.09 -3.24
CA THR C 70 -1.10 18.97 -3.29
C THR C 70 -1.05 18.29 -1.93
N LEU C 71 -1.30 16.98 -1.92
CA LEU C 71 -1.12 16.19 -0.72
C LEU C 71 0.37 16.04 -0.42
N GLN C 72 0.75 16.20 0.85
CA GLN C 72 2.13 16.02 1.26
C GLN C 72 2.19 15.13 2.50
N LYS C 73 3.43 14.85 2.93
CA LYS C 73 3.66 13.79 3.91
C LYS C 73 3.09 14.15 5.28
N ASN C 74 3.06 15.43 5.59
CA ASN C 74 2.51 15.87 6.84
C ASN C 74 1.03 15.63 6.90
N ASP C 75 0.34 15.66 5.78
CA ASP C 75 -1.08 15.39 5.79
C ASP C 75 -1.36 13.99 6.26
N ILE C 76 -0.59 13.05 5.80
CA ILE C 76 -0.74 11.69 6.21
C ILE C 76 -0.47 11.60 7.69
N ALA C 77 0.49 12.38 8.18
CA ALA C 77 0.84 12.38 9.60
C ALA C 77 -0.36 12.72 10.47
N ALA C 78 -1.14 13.72 10.07
CA ALA C 78 -2.31 14.07 10.86
C ALA C 78 -3.40 13.02 10.72
N ALA C 79 -3.60 12.49 9.51
CA ALA C 79 -4.61 11.44 9.32
C ALA C 79 -4.30 10.20 10.15
N VAL C 80 -3.02 9.95 10.43
CA VAL C 80 -2.66 8.81 11.28
C VAL C 80 -3.07 9.08 12.73
N THR C 81 -2.80 10.28 13.22
CA THR C 81 -3.07 10.59 14.62
C THR C 81 -4.56 10.71 14.89
N ARG C 82 -5.24 11.36 13.97
CA ARG C 82 -6.66 11.64 14.09
C ARG C 82 -7.57 10.44 14.15
N THR C 83 -7.25 9.43 13.36
CA THR C 83 -8.03 8.21 13.25
C THR C 83 -7.36 7.12 14.07
N ASP C 84 -8.16 6.41 14.87
CA ASP C 84 -7.61 5.34 15.69
C ASP C 84 -7.39 4.05 14.89
N ILE C 85 -7.96 3.94 13.70
CA ILE C 85 -7.73 2.74 12.89
C ILE C 85 -6.31 2.74 12.34
N PHE C 86 -5.73 3.92 12.10
CA PHE C 86 -4.39 4.04 11.57
C PHE C 86 -3.33 4.17 12.67
N ASP C 87 -3.63 3.67 13.87
CA ASP C 87 -2.71 3.80 14.99
C ASP C 87 -1.53 2.84 14.89
N PHE C 88 -1.58 1.85 14.02
CA PHE C 88 -0.41 0.99 13.88
C PHE C 88 0.73 1.68 13.14
N LEU C 89 0.53 2.90 12.67
CA LEU C 89 1.53 3.63 11.91
C LEU C 89 2.28 4.66 12.76
N VAL C 90 2.35 4.48 14.05
CA VAL C 90 3.01 5.46 14.88
C VAL C 90 4.48 5.62 14.58
N ASP C 91 5.13 4.50 14.29
CA ASP C 91 6.55 4.48 14.02
C ASP C 91 6.90 4.60 12.57
N ILE C 92 5.91 4.78 11.73
CA ILE C 92 6.16 4.95 10.32
C ILE C 92 6.02 6.40 9.93
N VAL C 93 5.28 7.13 10.74
CA VAL C 93 4.99 8.50 10.48
C VAL C 93 5.34 9.36 11.69
N PRO C 94 5.60 10.64 11.47
CA PRO C 94 5.94 11.75 12.33
C PRO C 94 4.77 12.27 13.15
N ARG C 95 5.01 13.28 13.98
CA ARG C 95 3.94 13.84 14.79
C ARG C 95 3.92 13.30 16.21
#